data_3SIK
#
_entry.id   3SIK
#
_cell.length_a   64.978
_cell.length_b   64.978
_cell.length_c   74.211
_cell.angle_alpha   90.00
_cell.angle_beta   90.00
_cell.angle_gamma   90.00
#
_symmetry.space_group_name_H-M   'P 43'
#
loop_
_entity.id
_entity.type
_entity.pdbx_description
1 polymer 'Conserved domain protein'
2 non-polymer 'PROTOPORPHYRIN IX CONTAINING FE'
3 water water
#
_entity_poly.entity_id   1
_entity_poly.type   'polypeptide(L)'
_entity_poly.pdbx_seq_one_letter_code
;GSHMASAKAATKLADGKYNIAFTVWKGDKDESSRMNRYFESPATLTVKNGKQYVSFKVKDSTSIKSFQVEKDGQFVETTV
LSENKKDNTRVVEFEVADLSKKLNGKVKINIPIINYNASYDIRFVFDGNSIK
;
_entity_poly.pdbx_strand_id   A,B
#
# COMPACT_ATOMS: atom_id res chain seq x y z
N ALA A 10 16.13 -10.91 -26.52
CA ALA A 10 17.35 -10.24 -26.96
C ALA A 10 17.82 -9.17 -25.96
N THR A 11 16.90 -8.33 -25.48
CA THR A 11 17.22 -7.22 -24.57
C THR A 11 17.08 -7.48 -23.04
N LYS A 12 16.43 -8.59 -22.66
CA LYS A 12 16.17 -8.88 -21.23
C LYS A 12 17.39 -9.36 -20.47
N LEU A 13 17.31 -9.29 -19.14
CA LEU A 13 18.30 -9.96 -18.29
C LEU A 13 17.77 -11.35 -17.97
N ALA A 14 18.55 -12.37 -18.28
CA ALA A 14 18.17 -13.75 -17.96
C ALA A 14 18.19 -13.93 -16.45
N ASP A 15 17.46 -14.92 -15.93
CA ASP A 15 17.36 -15.13 -14.48
C ASP A 15 18.75 -15.13 -13.88
N GLY A 16 18.90 -14.50 -12.72
CA GLY A 16 20.15 -14.53 -12.01
C GLY A 16 20.22 -13.46 -10.95
N LYS A 17 21.21 -13.61 -10.07
CA LYS A 17 21.43 -12.69 -8.96
C LYS A 17 22.59 -11.77 -9.33
N TYR A 18 22.28 -10.50 -9.58
CA TYR A 18 23.23 -9.56 -10.13
C TYR A 18 23.58 -8.42 -9.19
N ASN A 19 24.36 -7.48 -9.70
CA ASN A 19 24.54 -6.20 -9.04
C ASN A 19 24.20 -5.03 -9.97
N ILE A 20 23.68 -3.97 -9.38
CA ILE A 20 23.39 -2.73 -10.09
C ILE A 20 23.66 -1.51 -9.20
N ALA A 21 24.32 -0.50 -9.78
CA ALA A 21 24.61 0.75 -9.07
C ALA A 21 23.45 1.71 -9.22
N PHE A 22 23.10 2.39 -8.13
CA PHE A 22 22.05 3.41 -8.19
C PHE A 22 22.50 4.70 -7.48
N THR A 23 21.89 5.81 -7.88
CA THR A 23 22.01 7.04 -7.11
C THR A 23 20.62 7.56 -6.82
N VAL A 24 20.45 8.21 -5.68
CA VAL A 24 19.15 8.77 -5.32
C VAL A 24 19.12 10.27 -5.61
N TRP A 25 18.07 10.70 -6.31
CA TRP A 25 17.88 12.09 -6.69
C TRP A 25 16.65 12.63 -5.95
N LYS A 26 16.59 13.95 -5.76
CA LYS A 26 15.45 14.55 -5.07
C LYS A 26 14.19 14.44 -5.90
N GLY A 27 13.04 14.56 -5.26
CA GLY A 27 11.79 14.31 -5.94
C GLY A 27 11.56 15.17 -7.15
N ASP A 28 11.52 16.49 -6.95
CA ASP A 28 11.28 17.43 -8.05
C ASP A 28 12.50 18.19 -8.59
N LYS A 29 13.66 18.03 -7.97
CA LYS A 29 14.88 18.71 -8.41
C LYS A 29 15.90 17.66 -8.78
N ASP A 30 16.88 18.02 -9.61
CA ASP A 30 17.93 17.06 -9.89
C ASP A 30 19.15 17.46 -9.09
N GLU A 31 19.32 16.77 -7.97
CA GLU A 31 20.37 17.00 -7.01
C GLU A 31 20.53 15.67 -6.32
N SER A 32 21.74 15.34 -5.90
CA SER A 32 21.94 14.16 -5.06
C SER A 32 21.01 14.32 -3.87
N SER A 33 20.42 13.20 -3.43
CA SER A 33 19.53 13.19 -2.27
C SER A 33 20.25 12.67 -1.05
N ARG A 34 19.88 13.18 0.12
CA ARG A 34 20.51 12.73 1.36
C ARG A 34 20.34 11.21 1.55
N MET A 35 19.32 10.65 0.91
CA MET A 35 19.05 9.23 1.00
C MET A 35 20.22 8.43 0.47
N ASN A 36 21.12 9.08 -0.26
CA ASN A 36 22.30 8.41 -0.79
C ASN A 36 23.23 7.92 0.32
N ARG A 37 23.09 8.50 1.52
CA ARG A 37 23.89 8.09 2.67
C ARG A 37 23.18 7.07 3.56
N TYR A 38 21.96 6.72 3.19
CA TYR A 38 21.14 5.74 3.90
C TYR A 38 20.95 4.50 3.02
N PHE A 39 20.44 4.70 1.82
CA PHE A 39 20.27 3.61 0.89
C PHE A 39 21.61 3.24 0.23
N GLU A 40 22.05 2.00 0.42
CA GLU A 40 23.40 1.61 0.01
C GLU A 40 23.47 1.00 -1.39
N SER A 41 24.40 1.52 -2.18
CA SER A 41 24.66 1.03 -3.52
C SER A 41 26.04 0.39 -3.53
N PRO A 42 26.25 -0.61 -4.40
CA PRO A 42 25.23 -1.09 -5.34
C PRO A 42 24.19 -1.98 -4.68
N ALA A 43 22.97 -1.98 -5.23
CA ALA A 43 21.91 -2.85 -4.77
C ALA A 43 22.12 -4.25 -5.32
N THR A 44 21.53 -5.24 -4.67
CA THR A 44 21.45 -6.56 -5.26
C THR A 44 20.33 -6.54 -6.28
N LEU A 45 20.49 -7.30 -7.36
CA LEU A 45 19.46 -7.40 -8.38
C LEU A 45 19.18 -8.87 -8.71
N THR A 46 18.00 -9.32 -8.35
CA THR A 46 17.62 -10.72 -8.47
C THR A 46 16.56 -10.87 -9.54
N VAL A 47 16.82 -11.71 -10.53
CA VAL A 47 15.87 -11.94 -11.62
C VAL A 47 15.23 -13.34 -11.58
N LYS A 48 13.90 -13.39 -11.55
CA LYS A 48 13.16 -14.65 -11.53
C LYS A 48 11.96 -14.57 -12.45
N ASN A 49 11.94 -15.43 -13.47
CA ASN A 49 10.89 -15.40 -14.49
C ASN A 49 10.77 -14.05 -15.16
N GLY A 50 11.89 -13.37 -15.34
CA GLY A 50 11.87 -12.01 -15.83
C GLY A 50 11.24 -11.03 -14.85
N LYS A 51 11.25 -11.36 -13.55
CA LYS A 51 10.78 -10.42 -12.55
C LYS A 51 11.98 -9.77 -11.89
N GLN A 52 12.21 -8.50 -12.23
CA GLN A 52 13.39 -7.79 -11.77
C GLN A 52 13.18 -7.29 -10.36
N TYR A 53 14.06 -7.67 -9.44
CA TYR A 53 13.92 -7.32 -8.04
C TYR A 53 15.12 -6.55 -7.54
N VAL A 54 14.89 -5.32 -7.10
CA VAL A 54 15.94 -4.52 -6.50
C VAL A 54 15.89 -4.62 -4.98
N SER A 55 17.03 -4.86 -4.36
CA SER A 55 17.12 -5.01 -2.92
C SER A 55 18.41 -4.38 -2.41
N PHE A 56 18.33 -3.69 -1.27
CA PHE A 56 19.53 -3.11 -0.67
C PHE A 56 19.38 -2.84 0.82
N LYS A 57 20.51 -2.58 1.47
CA LYS A 57 20.54 -2.29 2.89
C LYS A 57 20.11 -0.85 3.17
N VAL A 58 19.38 -0.67 4.27
CA VAL A 58 18.92 0.64 4.72
C VAL A 58 19.46 0.91 6.13
N LYS A 59 20.30 1.92 6.29
CA LYS A 59 20.84 2.23 7.60
C LYS A 59 19.91 3.17 8.34
N ASP A 60 20.24 3.47 9.59
CA ASP A 60 19.38 4.31 10.43
C ASP A 60 17.91 3.93 10.22
N SER A 61 17.63 2.64 10.23
CA SER A 61 16.32 2.12 9.84
C SER A 61 15.18 2.54 10.77
N THR A 62 15.50 2.91 12.00
CA THR A 62 14.45 3.33 12.93
C THR A 62 13.88 4.71 12.59
N SER A 63 14.70 5.55 11.99
CA SER A 63 14.28 6.88 11.53
C SER A 63 13.63 6.87 10.16
N ILE A 64 13.89 5.84 9.35
CA ILE A 64 13.18 5.75 8.07
C ILE A 64 12.06 4.78 8.37
N LYS A 65 10.91 5.33 8.74
CA LYS A 65 9.84 4.49 9.25
C LYS A 65 8.88 4.12 8.14
N SER A 66 9.01 4.77 6.99
CA SER A 66 8.28 4.37 5.80
C SER A 66 9.14 4.57 4.57
N PHE A 67 9.21 3.57 3.72
CA PHE A 67 9.88 3.72 2.43
C PHE A 67 9.04 3.01 1.37
N GLN A 68 8.53 3.79 0.41
CA GLN A 68 7.72 3.29 -0.69
C GLN A 68 8.33 3.66 -2.02
N VAL A 69 8.10 2.83 -3.03
CA VAL A 69 8.39 3.18 -4.40
C VAL A 69 7.11 2.93 -5.18
N GLU A 70 6.95 3.61 -6.31
CA GLU A 70 5.71 3.45 -7.07
C GLU A 70 5.64 2.08 -7.73
N LYS A 71 4.48 1.43 -7.61
CA LYS A 71 4.19 0.21 -8.36
C LYS A 71 2.87 0.35 -9.11
N ASP A 72 2.94 0.36 -10.44
CA ASP A 72 1.74 0.42 -11.27
C ASP A 72 0.80 1.56 -10.86
N GLY A 73 1.36 2.76 -10.81
CA GLY A 73 0.60 3.97 -10.50
C GLY A 73 0.39 4.17 -9.01
N GLN A 74 0.65 3.13 -8.24
CA GLN A 74 0.40 3.18 -6.82
C GLN A 74 1.71 3.19 -6.06
N PHE A 75 1.88 4.13 -5.14
CA PHE A 75 3.04 4.12 -4.27
C PHE A 75 2.84 3.01 -3.25
N VAL A 76 3.74 2.04 -3.27
CA VAL A 76 3.60 0.81 -2.51
C VAL A 76 4.80 0.61 -1.60
N GLU A 77 4.52 0.26 -0.34
CA GLU A 77 5.56 0.15 0.68
C GLU A 77 6.47 -1.04 0.47
N THR A 78 7.77 -0.78 0.59
CA THR A 78 8.78 -1.76 0.22
C THR A 78 8.72 -3.01 1.11
N THR A 79 9.23 -4.11 0.56
CA THR A 79 9.23 -5.37 1.28
C THR A 79 10.52 -5.51 2.06
N VAL A 80 10.42 -5.52 3.38
CA VAL A 80 11.59 -5.79 4.20
C VAL A 80 11.93 -7.26 4.00
N LEU A 81 13.14 -7.55 3.52
CA LEU A 81 13.60 -8.92 3.45
C LEU A 81 14.18 -9.41 4.78
N SER A 82 14.95 -8.55 5.45
CA SER A 82 15.59 -8.91 6.70
C SER A 82 15.96 -7.67 7.52
N GLU A 83 16.16 -7.84 8.81
CA GLU A 83 16.54 -6.72 9.67
C GLU A 83 17.73 -7.06 10.53
N ASN A 84 18.44 -6.04 10.96
CA ASN A 84 19.44 -6.22 11.98
C ASN A 84 19.24 -5.21 13.09
N LYS A 85 18.81 -5.67 14.26
CA LYS A 85 18.52 -4.76 15.36
C LYS A 85 19.78 -4.28 16.09
N LYS A 86 20.87 -5.01 15.91
CA LYS A 86 22.14 -4.63 16.54
C LYS A 86 22.77 -3.50 15.73
N ASP A 87 22.53 -3.54 14.43
CA ASP A 87 23.01 -2.51 13.50
C ASP A 87 22.17 -1.26 13.52
N ASN A 88 20.86 -1.42 13.73
CA ASN A 88 19.90 -0.39 13.37
C ASN A 88 19.95 -0.20 11.86
N THR A 89 19.84 -1.32 11.15
CA THR A 89 19.71 -1.31 9.71
C THR A 89 18.71 -2.39 9.31
N ARG A 90 18.22 -2.30 8.09
CA ARG A 90 17.34 -3.32 7.56
C ARG A 90 17.64 -3.54 6.09
N VAL A 91 17.13 -4.64 5.55
CA VAL A 91 17.27 -4.93 4.13
C VAL A 91 15.89 -4.97 3.49
N VAL A 92 15.72 -4.19 2.42
CA VAL A 92 14.43 -4.01 1.81
C VAL A 92 14.48 -4.52 0.37
N GLU A 93 13.31 -4.84 -0.19
CA GLU A 93 13.21 -5.30 -1.57
C GLU A 93 11.98 -4.73 -2.27
N PHE A 94 12.12 -4.50 -3.57
CA PHE A 94 11.01 -4.12 -4.45
C PHE A 94 11.36 -4.49 -5.89
N GLU A 95 10.34 -4.59 -6.74
CA GLU A 95 10.55 -4.90 -8.15
C GLU A 95 10.72 -3.64 -8.98
N VAL A 96 11.62 -3.68 -9.95
CA VAL A 96 11.69 -2.62 -10.93
C VAL A 96 11.67 -3.20 -12.33
N ALA A 97 10.56 -3.00 -13.03
CA ALA A 97 10.36 -3.60 -14.34
C ALA A 97 11.22 -2.92 -15.40
N ASP A 98 11.19 -1.59 -15.40
CA ASP A 98 12.00 -0.82 -16.33
C ASP A 98 13.06 -0.03 -15.57
N LEU A 99 14.31 -0.46 -15.67
CA LEU A 99 15.40 0.14 -14.90
C LEU A 99 15.99 1.36 -15.61
N SER A 100 15.47 1.68 -16.80
CA SER A 100 15.87 2.87 -17.52
C SER A 100 15.15 4.08 -16.94
N LYS A 101 13.86 3.92 -16.67
CA LYS A 101 13.05 4.97 -16.09
C LYS A 101 13.44 5.28 -14.64
N LYS A 102 13.32 6.55 -14.27
CA LYS A 102 13.67 6.97 -12.94
C LYS A 102 12.58 6.55 -11.97
N LEU A 103 12.95 5.71 -11.02
CA LEU A 103 11.99 5.13 -10.09
C LEU A 103 11.62 6.16 -9.03
N ASN A 104 10.32 6.39 -8.87
CA ASN A 104 9.81 7.29 -7.85
C ASN A 104 9.70 6.60 -6.51
N GLY A 105 10.11 7.31 -5.46
CA GLY A 105 9.96 6.77 -4.12
C GLY A 105 9.65 7.88 -3.15
N LYS A 106 9.14 7.50 -1.99
CA LYS A 106 8.77 8.43 -0.91
C LYS A 106 9.28 7.86 0.38
N VAL A 107 9.87 8.68 1.23
CA VAL A 107 10.29 8.21 2.54
C VAL A 107 9.73 9.10 3.63
N LYS A 108 9.22 8.51 4.70
CA LYS A 108 8.86 9.26 5.88
C LYS A 108 9.96 9.11 6.93
N ILE A 109 10.48 10.24 7.40
CA ILE A 109 11.55 10.28 8.39
C ILE A 109 11.04 10.82 9.71
N ASN A 110 11.12 10.01 10.76
CA ASN A 110 10.64 10.41 12.07
C ASN A 110 11.77 10.39 13.10
N ILE A 111 12.06 11.55 13.65
CA ILE A 111 13.07 11.68 14.69
C ILE A 111 12.38 12.33 15.87
N PRO A 112 11.85 11.50 16.78
CA PRO A 112 10.91 11.95 17.82
C PRO A 112 11.49 12.98 18.78
N ILE A 113 12.72 12.81 19.21
CA ILE A 113 13.30 13.69 20.21
C ILE A 113 13.36 15.16 19.78
N ILE A 114 13.60 15.41 18.50
CA ILE A 114 13.56 16.80 17.99
C ILE A 114 12.23 17.15 17.33
N ASN A 115 11.27 16.24 17.41
CA ASN A 115 9.92 16.43 16.88
C ASN A 115 9.87 16.55 15.36
N TYR A 116 10.83 15.87 14.73
CA TYR A 116 11.02 15.89 13.30
C TYR A 116 10.22 14.75 12.72
N ASN A 117 9.17 15.10 12.00
CA ASN A 117 8.35 14.13 11.31
C ASN A 117 8.13 14.65 9.89
N ALA A 118 8.70 13.96 8.90
CA ALA A 118 8.72 14.44 7.53
C ALA A 118 8.45 13.37 6.48
N SER A 119 8.01 13.80 5.32
CA SER A 119 7.73 12.90 4.22
C SER A 119 8.30 13.52 2.94
N TYR A 120 9.20 12.80 2.27
CA TYR A 120 9.95 13.36 1.14
C TYR A 120 9.78 12.61 -0.16
N ASP A 121 9.92 13.33 -1.28
CA ASP A 121 9.91 12.68 -2.58
C ASP A 121 11.35 12.44 -3.03
N ILE A 122 11.61 11.23 -3.51
CA ILE A 122 12.91 10.87 -4.04
C ILE A 122 12.74 10.04 -5.30
N ARG A 123 13.83 9.88 -6.03
CA ARG A 123 13.81 9.09 -7.25
C ARG A 123 15.12 8.33 -7.40
N PHE A 124 15.02 7.09 -7.89
CA PHE A 124 16.20 6.27 -8.06
C PHE A 124 16.64 6.32 -9.50
N VAL A 125 17.94 6.52 -9.74
CA VAL A 125 18.50 6.45 -11.08
C VAL A 125 19.46 5.28 -11.18
N PHE A 126 19.03 4.25 -11.90
CA PHE A 126 19.83 3.04 -12.07
C PHE A 126 20.79 3.19 -13.23
N ASP A 127 22.03 2.73 -13.01
CA ASP A 127 23.02 2.71 -14.07
C ASP A 127 23.01 1.35 -14.71
N GLY A 128 22.50 1.28 -15.93
CA GLY A 128 22.42 0.03 -16.65
C GLY A 128 23.79 -0.57 -16.89
N ASN A 129 24.75 0.29 -17.24
CA ASN A 129 26.12 -0.15 -17.55
C ASN A 129 26.85 -0.74 -16.35
N SER A 130 26.22 -0.71 -15.19
CA SER A 130 26.84 -1.23 -13.97
C SER A 130 26.48 -2.68 -13.64
N ILE A 131 25.60 -3.29 -14.40
CA ILE A 131 25.14 -4.63 -14.07
C ILE A 131 26.28 -5.62 -14.24
N LYS A 132 26.34 -6.62 -13.37
CA LYS A 132 27.41 -7.59 -13.37
C LYS A 132 26.93 -8.95 -12.88
N THR B 11 -18.69 -26.55 -4.11
CA THR B 11 -18.99 -25.98 -2.79
C THR B 11 -18.29 -24.63 -2.56
N LYS B 12 -17.83 -24.00 -3.65
CA LYS B 12 -17.28 -22.65 -3.58
C LYS B 12 -18.21 -21.71 -4.31
N LEU B 13 -18.30 -20.47 -3.85
CA LEU B 13 -19.15 -19.53 -4.53
C LEU B 13 -18.70 -19.52 -5.97
N ALA B 14 -19.65 -19.73 -6.87
CA ALA B 14 -19.39 -19.75 -8.29
C ALA B 14 -19.27 -18.33 -8.83
N ASP B 15 -18.60 -18.19 -9.98
CA ASP B 15 -18.40 -16.90 -10.61
C ASP B 15 -19.75 -16.26 -10.92
N GLY B 16 -19.81 -14.94 -10.93
CA GLY B 16 -21.06 -14.24 -11.19
C GLY B 16 -21.14 -12.85 -10.59
N LYS B 17 -22.35 -12.40 -10.32
CA LYS B 17 -22.58 -11.10 -9.69
C LYS B 17 -23.65 -11.27 -8.61
N TYR B 18 -23.36 -10.79 -7.40
CA TYR B 18 -24.30 -10.91 -6.32
C TYR B 18 -24.30 -9.65 -5.49
N ASN B 19 -25.30 -9.50 -4.64
CA ASN B 19 -25.32 -8.45 -3.62
C ASN B 19 -25.10 -9.13 -2.28
N ILE B 20 -24.42 -8.44 -1.38
CA ILE B 20 -24.16 -8.98 -0.05
C ILE B 20 -24.21 -7.89 1.02
N ALA B 21 -24.79 -8.23 2.16
CA ALA B 21 -24.93 -7.27 3.25
C ALA B 21 -23.86 -7.48 4.30
N PHE B 22 -23.38 -6.36 4.84
CA PHE B 22 -22.30 -6.38 5.81
C PHE B 22 -22.58 -5.37 6.92
N THR B 23 -21.95 -5.60 8.07
CA THR B 23 -22.01 -4.62 9.14
C THR B 23 -20.58 -4.28 9.54
N VAL B 24 -20.35 -3.03 9.94
CA VAL B 24 -19.04 -2.64 10.43
C VAL B 24 -19.03 -2.65 11.95
N TRP B 25 -18.01 -3.25 12.54
CA TRP B 25 -17.85 -3.29 13.99
C TRP B 25 -16.57 -2.54 14.36
N LYS B 26 -16.47 -2.05 15.58
CA LYS B 26 -15.27 -1.35 16.01
C LYS B 26 -14.12 -2.33 15.99
N GLY B 27 -12.90 -1.82 15.98
CA GLY B 27 -11.76 -2.71 15.97
C GLY B 27 -11.67 -3.58 17.21
N ASP B 28 -11.78 -2.95 18.37
CA ASP B 28 -11.49 -3.60 19.66
C ASP B 28 -12.68 -4.12 20.44
N LYS B 29 -13.88 -3.84 19.96
CA LYS B 29 -15.10 -4.26 20.63
C LYS B 29 -16.05 -4.67 19.54
N ASP B 30 -16.81 -5.76 19.70
CA ASP B 30 -17.67 -6.12 18.60
C ASP B 30 -18.96 -5.38 18.87
N GLU B 31 -19.08 -4.24 18.20
CA GLU B 31 -20.18 -3.31 18.36
C GLU B 31 -20.25 -2.55 17.06
N SER B 32 -21.45 -2.20 16.63
CA SER B 32 -21.57 -1.54 15.36
C SER B 32 -20.60 -0.37 15.37
N SER B 33 -19.75 -0.29 14.35
CA SER B 33 -18.89 0.87 14.17
C SER B 33 -19.73 1.96 13.54
N ARG B 34 -19.35 3.22 13.73
CA ARG B 34 -20.13 4.27 13.13
C ARG B 34 -19.90 4.35 11.63
N MET B 35 -18.82 3.71 11.18
CA MET B 35 -18.52 3.61 9.76
C MET B 35 -19.69 2.94 9.07
N ASN B 36 -20.60 2.37 9.86
CA ASN B 36 -21.83 1.79 9.34
C ASN B 36 -22.68 2.85 8.65
N ARG B 37 -22.45 4.11 9.00
CA ARG B 37 -23.16 5.22 8.35
C ARG B 37 -22.60 5.64 6.99
N TYR B 38 -21.28 5.56 6.81
CA TYR B 38 -20.62 6.05 5.60
C TYR B 38 -20.38 5.01 4.50
N PHE B 39 -20.58 3.74 4.83
CA PHE B 39 -20.44 2.64 3.89
C PHE B 39 -21.84 2.08 3.62
N GLU B 40 -22.32 2.18 2.39
CA GLU B 40 -23.69 1.74 2.10
C GLU B 40 -23.80 0.23 1.82
N SER B 41 -24.50 -0.47 2.72
CA SER B 41 -24.87 -1.87 2.54
C SER B 41 -26.25 -1.96 1.86
N PRO B 42 -26.52 -3.09 1.17
CA PRO B 42 -25.65 -4.24 0.97
C PRO B 42 -24.57 -3.94 -0.05
N ALA B 43 -23.53 -4.77 -0.08
CA ALA B 43 -22.43 -4.53 -1.00
C ALA B 43 -22.66 -5.25 -2.32
N THR B 44 -21.67 -5.17 -3.20
CA THR B 44 -21.68 -5.95 -4.42
C THR B 44 -20.55 -6.95 -4.42
N LEU B 45 -20.91 -8.23 -4.44
CA LEU B 45 -19.94 -9.32 -4.43
C LEU B 45 -19.81 -9.87 -5.85
N THR B 46 -18.68 -9.61 -6.47
CA THR B 46 -18.40 -10.09 -7.81
C THR B 46 -17.43 -11.26 -7.71
N VAL B 47 -17.81 -12.41 -8.22
CA VAL B 47 -16.89 -13.54 -8.31
C VAL B 47 -16.37 -13.64 -9.74
N LYS B 48 -15.12 -13.26 -9.95
CA LYS B 48 -14.52 -13.29 -11.28
C LYS B 48 -13.36 -14.24 -11.26
N ASN B 49 -13.50 -15.36 -11.95
CA ASN B 49 -12.47 -16.37 -11.99
C ASN B 49 -12.20 -17.00 -10.63
N GLY B 50 -13.24 -17.11 -9.81
CA GLY B 50 -13.12 -17.72 -8.49
C GLY B 50 -12.76 -16.74 -7.38
N LYS B 51 -12.13 -15.62 -7.75
CA LYS B 51 -11.77 -14.59 -6.78
C LYS B 51 -12.98 -13.74 -6.44
N GLN B 52 -12.97 -13.10 -5.27
CA GLN B 52 -14.16 -12.40 -4.78
C GLN B 52 -13.90 -10.95 -4.41
N TYR B 53 -14.58 -10.04 -5.13
CA TYR B 53 -14.34 -8.62 -5.02
C TYR B 53 -15.57 -7.83 -4.55
N VAL B 54 -15.43 -7.22 -3.37
CA VAL B 54 -16.51 -6.45 -2.76
C VAL B 54 -16.41 -4.95 -3.08
N SER B 55 -17.55 -4.33 -3.36
CA SER B 55 -17.60 -2.92 -3.75
C SER B 55 -18.83 -2.25 -3.15
N PHE B 56 -18.68 -1.04 -2.63
CA PHE B 56 -19.82 -0.33 -2.11
C PHE B 56 -19.65 1.18 -2.11
N LYS B 57 -20.77 1.89 -1.99
CA LYS B 57 -20.80 3.34 -1.99
C LYS B 57 -20.33 3.88 -0.65
N VAL B 58 -19.43 4.84 -0.71
CA VAL B 58 -18.93 5.55 0.47
C VAL B 58 -19.48 6.97 0.47
N LYS B 59 -19.87 7.46 1.65
CA LYS B 59 -20.51 8.77 1.80
C LYS B 59 -19.61 9.74 2.55
N ASP B 60 -19.86 11.02 2.36
CA ASP B 60 -18.96 12.10 2.80
C ASP B 60 -17.53 11.81 2.33
N SER B 61 -17.40 11.36 1.09
CA SER B 61 -16.12 10.90 0.56
C SER B 61 -14.93 11.84 0.80
N THR B 62 -15.17 13.15 0.81
CA THR B 62 -14.06 14.05 1.10
C THR B 62 -13.47 13.81 2.49
N SER B 63 -14.32 13.31 3.39
CA SER B 63 -13.97 13.14 4.80
C SER B 63 -13.11 11.91 5.05
N ILE B 64 -13.43 10.79 4.40
CA ILE B 64 -12.70 9.57 4.67
C ILE B 64 -11.57 9.62 3.68
N LYS B 65 -10.39 10.04 4.14
CA LYS B 65 -9.31 10.34 3.21
C LYS B 65 -8.54 9.08 2.83
N SER B 66 -8.64 8.06 3.68
CA SER B 66 -8.07 6.77 3.34
C SER B 66 -8.87 5.65 3.97
N PHE B 67 -9.07 4.59 3.22
CA PHE B 67 -9.74 3.39 3.71
C PHE B 67 -8.98 2.18 3.18
N GLN B 68 -8.42 1.38 4.10
CA GLN B 68 -7.61 0.22 3.77
C GLN B 68 -8.25 -1.07 4.26
N VAL B 69 -7.88 -2.18 3.65
CA VAL B 69 -8.32 -3.48 4.14
C VAL B 69 -7.13 -4.43 4.18
N GLU B 70 -7.25 -5.47 4.99
CA GLU B 70 -6.14 -6.39 5.22
C GLU B 70 -6.18 -7.55 4.25
N LYS B 71 -5.21 -7.60 3.35
CA LYS B 71 -5.04 -8.76 2.47
C LYS B 71 -3.59 -9.23 2.45
N ASP B 72 -3.38 -10.54 2.54
CA ASP B 72 -2.04 -11.08 2.62
C ASP B 72 -1.40 -10.56 3.90
N GLY B 73 -2.18 -10.59 4.99
CA GLY B 73 -1.71 -10.18 6.30
C GLY B 73 -1.06 -8.82 6.26
N GLN B 74 -1.65 -7.91 5.49
CA GLN B 74 -1.14 -6.56 5.40
C GLN B 74 -2.26 -5.63 4.99
N PHE B 75 -2.06 -4.33 5.20
CA PHE B 75 -3.09 -3.36 4.84
C PHE B 75 -2.82 -2.67 3.50
N VAL B 76 -3.87 -2.62 2.69
CA VAL B 76 -3.79 -2.03 1.37
C VAL B 76 -4.91 -1.02 1.25
N GLU B 77 -4.66 0.07 0.54
CA GLU B 77 -5.71 1.04 0.26
C GLU B 77 -6.71 0.40 -0.67
N THR B 78 -7.99 0.66 -0.43
CA THR B 78 -9.03 0.11 -1.29
C THR B 78 -9.05 0.80 -2.65
N THR B 79 -9.38 0.03 -3.68
CA THR B 79 -9.51 0.55 -5.03
C THR B 79 -10.71 1.49 -5.10
N VAL B 80 -10.56 2.59 -5.84
CA VAL B 80 -11.67 3.52 -6.03
C VAL B 80 -12.10 3.53 -7.50
N LEU B 81 -13.34 3.10 -7.74
CA LEU B 81 -13.87 2.97 -9.09
C LEU B 81 -14.44 4.25 -9.68
N SER B 82 -15.16 5.00 -8.85
CA SER B 82 -15.87 6.19 -9.27
C SER B 82 -15.77 7.22 -8.17
N GLU B 83 -15.69 8.49 -8.51
CA GLU B 83 -16.00 9.48 -7.51
C GLU B 83 -17.07 10.42 -8.02
N ASN B 84 -17.84 10.93 -7.09
CA ASN B 84 -18.88 11.87 -7.39
C ASN B 84 -18.72 13.09 -6.49
N LYS B 85 -18.35 14.23 -7.07
CA LYS B 85 -18.08 15.43 -6.27
C LYS B 85 -19.33 16.25 -5.95
N LYS B 86 -20.42 15.98 -6.65
CA LYS B 86 -21.66 16.67 -6.35
C LYS B 86 -22.21 16.16 -5.03
N ASP B 87 -22.39 14.85 -4.96
CA ASP B 87 -22.93 14.18 -3.77
C ASP B 87 -21.81 13.75 -2.83
N ASN B 88 -20.58 14.06 -3.22
CA ASN B 88 -19.40 13.73 -2.43
C ASN B 88 -19.36 12.24 -2.12
N THR B 89 -19.44 11.43 -3.16
CA THR B 89 -19.47 10.00 -2.97
C THR B 89 -18.43 9.31 -3.82
N ARG B 90 -18.07 8.10 -3.40
CA ARG B 90 -17.18 7.29 -4.20
C ARG B 90 -17.56 5.83 -4.06
N VAL B 91 -17.04 5.01 -4.95
CA VAL B 91 -17.29 3.58 -4.95
C VAL B 91 -15.95 2.88 -4.84
N VAL B 92 -15.77 2.15 -3.74
CA VAL B 92 -14.53 1.47 -3.47
C VAL B 92 -14.72 -0.03 -3.67
N GLU B 93 -13.66 -0.73 -4.09
CA GLU B 93 -13.71 -2.18 -4.20
C GLU B 93 -12.44 -2.78 -3.60
N PHE B 94 -12.56 -3.98 -3.04
CA PHE B 94 -11.41 -4.65 -2.46
C PHE B 94 -11.54 -6.17 -2.46
N GLU B 95 -10.42 -6.84 -2.59
CA GLU B 95 -10.41 -8.29 -2.66
C GLU B 95 -10.64 -8.87 -1.27
N VAL B 96 -11.49 -9.89 -1.19
CA VAL B 96 -11.76 -10.56 0.08
C VAL B 96 -11.75 -12.09 -0.13
N ALA B 97 -10.81 -12.77 0.51
CA ALA B 97 -10.65 -14.20 0.31
C ALA B 97 -11.78 -15.01 0.92
N ASP B 98 -11.99 -14.86 2.22
CA ASP B 98 -12.95 -15.66 2.96
C ASP B 98 -13.99 -14.74 3.61
N LEU B 99 -15.21 -14.80 3.13
CA LEU B 99 -16.24 -13.88 3.59
C LEU B 99 -16.80 -14.24 4.97
N SER B 100 -16.46 -15.43 5.45
CA SER B 100 -16.92 -15.88 6.76
C SER B 100 -16.11 -15.23 7.86
N LYS B 101 -14.87 -14.90 7.54
CA LYS B 101 -14.01 -14.19 8.46
C LYS B 101 -14.47 -12.75 8.67
N LYS B 102 -13.99 -12.16 9.75
CA LYS B 102 -14.16 -10.74 9.96
C LYS B 102 -12.91 -10.02 9.42
N LEU B 103 -13.11 -9.28 8.33
CA LEU B 103 -12.04 -8.57 7.64
C LEU B 103 -11.65 -7.31 8.40
N ASN B 104 -10.35 -7.15 8.66
CA ASN B 104 -9.85 -5.94 9.30
C ASN B 104 -9.54 -4.89 8.26
N GLY B 105 -9.89 -3.64 8.58
CA GLY B 105 -9.61 -2.53 7.70
C GLY B 105 -9.31 -1.31 8.55
N LYS B 106 -8.74 -0.28 7.94
CA LYS B 106 -8.41 0.96 8.62
C LYS B 106 -9.07 2.11 7.86
N VAL B 107 -9.52 3.14 8.58
CA VAL B 107 -10.02 4.34 7.92
C VAL B 107 -9.20 5.54 8.37
N LYS B 108 -9.20 6.59 7.56
CA LYS B 108 -8.52 7.83 7.89
C LYS B 108 -9.53 8.98 7.72
N ILE B 109 -9.86 9.65 8.81
CA ILE B 109 -10.86 10.73 8.77
C ILE B 109 -10.19 12.09 8.88
N ASN B 110 -10.58 13.01 8.01
CA ASN B 110 -9.98 14.33 7.97
C ASN B 110 -11.02 15.44 7.82
N ILE B 111 -11.11 16.29 8.83
CA ILE B 111 -12.11 17.36 8.86
C ILE B 111 -11.51 18.63 9.46
N PRO B 112 -10.85 19.45 8.61
CA PRO B 112 -10.07 20.62 9.02
C PRO B 112 -10.80 21.76 9.75
N ILE B 113 -12.13 21.81 9.68
CA ILE B 113 -12.88 22.87 10.35
C ILE B 113 -12.72 22.83 11.86
N ILE B 114 -12.91 21.65 12.46
CA ILE B 114 -12.54 21.42 13.85
C ILE B 114 -11.34 20.53 13.71
N ASN B 115 -10.19 20.95 14.20
CA ASN B 115 -9.00 20.25 13.76
C ASN B 115 -9.23 18.78 14.06
N TYR B 116 -9.29 17.98 13.01
CA TYR B 116 -9.60 16.57 13.17
C TYR B 116 -8.76 15.76 12.23
N ASN B 117 -7.91 14.92 12.78
CA ASN B 117 -7.29 13.89 11.99
C ASN B 117 -7.21 12.66 12.87
N ALA B 118 -7.79 11.57 12.40
CA ALA B 118 -7.97 10.38 13.22
C ALA B 118 -7.77 9.13 12.39
N SER B 119 -7.43 8.05 13.07
CA SER B 119 -7.35 6.75 12.47
C SER B 119 -8.10 5.77 13.34
N TYR B 120 -8.98 5.01 12.73
CA TYR B 120 -9.75 4.03 13.44
C TYR B 120 -9.65 2.69 12.74
N ASP B 121 -9.57 1.64 13.54
CA ASP B 121 -9.58 0.29 13.04
C ASP B 121 -11.02 -0.21 13.05
N ILE B 122 -11.38 -0.94 12.01
CA ILE B 122 -12.72 -1.46 11.88
C ILE B 122 -12.62 -2.90 11.39
N ARG B 123 -13.76 -3.60 11.44
CA ARG B 123 -13.85 -4.98 11.02
C ARG B 123 -15.12 -5.17 10.24
N PHE B 124 -15.04 -5.92 9.16
CA PHE B 124 -16.21 -6.21 8.33
C PHE B 124 -16.80 -7.58 8.65
N VAL B 125 -18.04 -7.59 9.12
CA VAL B 125 -18.78 -8.83 9.24
C VAL B 125 -19.75 -8.90 8.08
N PHE B 126 -19.44 -9.77 7.12
CA PHE B 126 -20.28 -9.96 5.95
C PHE B 126 -21.31 -11.01 6.27
N ASP B 127 -22.53 -10.80 5.78
CA ASP B 127 -23.59 -11.75 6.11
C ASP B 127 -23.69 -12.86 5.06
N GLY B 128 -23.26 -14.05 5.44
CA GLY B 128 -23.18 -15.18 4.53
C GLY B 128 -24.54 -15.62 4.03
N ASN B 129 -25.59 -15.26 4.77
CA ASN B 129 -26.95 -15.54 4.37
C ASN B 129 -27.54 -14.38 3.57
N SER B 130 -26.73 -13.38 3.28
CA SER B 130 -27.23 -12.20 2.58
C SER B 130 -26.93 -12.20 1.08
N ILE B 131 -26.20 -13.21 0.62
CA ILE B 131 -25.77 -13.21 -0.77
C ILE B 131 -26.91 -13.61 -1.70
N LYS B 132 -27.17 -12.76 -2.68
CA LYS B 132 -28.25 -12.99 -3.64
C LYS B 132 -27.95 -12.21 -4.92
#